data_7Q2V
#
_entry.id   7Q2V
#
_cell.length_a   50.268
_cell.length_b   69.182
_cell.length_c   117.724
_cell.angle_alpha   90.000
_cell.angle_beta   90.000
_cell.angle_gamma   90.000
#
_symmetry.space_group_name_H-M   'I 2 2 2'
#
loop_
_entity.id
_entity.type
_entity.pdbx_description
1 polymer 'Cholinephosphate cytidylyltransferase'
2 non-polymer (3R)-1-methylpyrrolidin-3-ol
3 water water
#
_entity_poly.entity_id   1
_entity_poly.type   'polypeptide(L)'
_entity_poly.pdbx_seq_one_letter_code
;GHMAVPDDDDDDDNSNDESEYESSQMDSEKNKGSIKNSKNVVIYADGVYDMLHLGHMKQLEQAKKLFENTTLIVGVTSDN
ETKLFKGQVVQTLEERTETLKHIRWVDEIISPCPWVVTPEFLEKYKIDYVAHDDIPYANNQKEDIYAWLKRAGKFKATQR
TEGVSTTDLIVRILKNYEDY
;
_entity_poly.pdbx_strand_id   A
#
# COMPACT_ATOMS: atom_id res chain seq x y z
N SER A 38 -11.92 19.54 9.44
CA SER A 38 -12.39 18.70 10.53
C SER A 38 -13.38 17.62 10.07
N LYS A 39 -13.92 17.73 8.85
CA LYS A 39 -14.75 16.66 8.32
C LYS A 39 -13.86 15.47 7.97
N ASN A 40 -14.41 14.26 8.10
CA ASN A 40 -13.61 13.05 8.00
C ASN A 40 -13.39 12.62 6.55
N VAL A 41 -12.13 12.54 6.15
CA VAL A 41 -11.75 12.29 4.77
C VAL A 41 -11.34 10.82 4.63
N VAL A 42 -11.90 10.12 3.66
CA VAL A 42 -11.62 8.72 3.44
C VAL A 42 -10.53 8.60 2.38
N ILE A 43 -9.42 7.99 2.78
CA ILE A 43 -8.22 7.83 1.96
C ILE A 43 -8.08 6.35 1.64
N TYR A 44 -7.73 6.05 0.40
CA TYR A 44 -7.50 4.68 -0.03
C TYR A 44 -6.08 4.57 -0.54
N ALA A 45 -5.34 3.57 -0.04
CA ALA A 45 -4.03 3.22 -0.59
C ALA A 45 -4.01 1.73 -0.84
N ASP A 46 -3.28 1.29 -1.86
CA ASP A 46 -3.25 -0.14 -2.07
C ASP A 46 -1.84 -0.56 -2.44
N GLY A 47 -1.60 -1.85 -2.39
CA GLY A 47 -0.29 -2.37 -2.70
C GLY A 47 -0.24 -3.84 -2.36
N VAL A 48 0.97 -4.38 -2.51
CA VAL A 48 1.21 -5.78 -2.18
C VAL A 48 1.49 -5.94 -0.69
N TYR A 49 2.36 -5.09 -0.14
CA TYR A 49 2.74 -5.17 1.28
C TYR A 49 3.38 -6.52 1.61
N ASP A 50 4.21 -7.03 0.69
CA ASP A 50 4.97 -8.25 0.95
C ASP A 50 6.12 -7.91 1.87
N MET A 51 6.31 -8.71 2.93
CA MET A 51 7.49 -8.57 3.78
C MET A 51 7.52 -7.15 4.38
N LEU A 52 6.41 -6.76 5.03
CA LEU A 52 6.18 -5.36 5.41
C LEU A 52 7.39 -4.76 6.14
N HIS A 53 7.82 -3.58 5.69
CA HIS A 53 9.00 -2.93 6.25
C HIS A 53 8.72 -1.46 6.54
N LEU A 54 9.74 -0.77 7.06
CA LEU A 54 9.60 0.62 7.47
C LEU A 54 9.14 1.50 6.32
N GLY A 55 9.57 1.18 5.09
CA GLY A 55 9.15 1.97 3.95
C GLY A 55 7.64 1.92 3.71
N HIS A 56 7.06 0.72 3.77
CA HIS A 56 5.60 0.61 3.72
C HIS A 56 4.97 1.42 4.83
N MET A 57 5.51 1.30 6.05
CA MET A 57 4.84 1.91 7.19
C MET A 57 4.88 3.43 7.08
N LYS A 58 6.00 3.99 6.62
CA LYS A 58 6.08 5.44 6.43
C LYS A 58 5.10 5.91 5.34
N GLN A 59 4.95 5.13 4.27
CA GLN A 59 3.99 5.51 3.24
C GLN A 59 2.56 5.49 3.76
N LEU A 60 2.20 4.48 4.54
CA LEU A 60 0.88 4.45 5.14
C LEU A 60 0.69 5.62 6.08
N GLU A 61 1.71 5.91 6.92
CA GLU A 61 1.62 7.08 7.77
C GLU A 61 1.35 8.32 6.95
N GLN A 62 2.05 8.47 5.83
CA GLN A 62 1.88 9.68 5.04
C GLN A 62 0.46 9.76 4.49
N ALA A 63 -0.08 8.64 3.97
CA ALA A 63 -1.48 8.63 3.53
C ALA A 63 -2.43 8.96 4.67
N LYS A 64 -2.25 8.33 5.83
CA LYS A 64 -3.12 8.60 6.97
C LYS A 64 -3.12 10.08 7.37
N LYS A 65 -1.99 10.77 7.23
CA LYS A 65 -1.87 12.15 7.70
C LYS A 65 -2.09 13.20 6.60
N LEU A 66 -2.62 12.81 5.44
CA LEU A 66 -2.88 13.79 4.38
C LEU A 66 -3.85 14.89 4.85
N PHE A 67 -4.78 14.57 5.74
CA PHE A 67 -5.70 15.54 6.33
C PHE A 67 -5.78 15.31 7.83
N GLU A 68 -6.36 16.29 8.52
CA GLU A 68 -6.47 16.24 9.97
C GLU A 68 -7.23 15.00 10.43
N ASN A 69 -8.35 14.69 9.77
CA ASN A 69 -9.29 13.68 10.23
C ASN A 69 -9.52 12.75 9.04
N THR A 70 -8.94 11.55 9.09
CA THR A 70 -9.01 10.62 7.97
C THR A 70 -9.43 9.24 8.45
N THR A 71 -9.92 8.47 7.49
CA THR A 71 -10.05 7.02 7.61
C THR A 71 -9.18 6.42 6.50
N LEU A 72 -8.15 5.68 6.88
CA LEU A 72 -7.25 5.11 5.87
C LEU A 72 -7.69 3.68 5.60
N ILE A 73 -8.18 3.45 4.39
CA ILE A 73 -8.50 2.12 3.89
C ILE A 73 -7.30 1.62 3.10
N VAL A 74 -6.85 0.40 3.38
CA VAL A 74 -5.68 -0.15 2.69
C VAL A 74 -6.12 -1.38 1.91
N GLY A 75 -5.80 -1.41 0.63
CA GLY A 75 -6.13 -2.53 -0.23
C GLY A 75 -4.90 -3.40 -0.43
N VAL A 76 -5.10 -4.71 -0.27
CA VAL A 76 -4.02 -5.68 -0.38
C VAL A 76 -4.30 -6.55 -1.60
N THR A 77 -3.35 -6.59 -2.54
CA THR A 77 -3.59 -7.24 -3.81
C THR A 77 -3.53 -8.76 -3.66
N SER A 78 -4.31 -9.46 -4.48
CA SER A 78 -4.41 -10.91 -4.42
C SER A 78 -3.09 -11.56 -4.85
N ASP A 79 -2.93 -12.85 -4.50
CA ASP A 79 -1.69 -13.53 -4.84
C ASP A 79 -1.56 -13.75 -6.34
N ASN A 80 -2.64 -14.20 -6.97
CA ASN A 80 -2.63 -14.53 -8.41
CA ASN A 80 -2.40 -14.52 -8.35
C ASN A 80 -2.41 -13.28 -9.25
N GLU A 81 -3.17 -12.23 -8.94
CA GLU A 81 -3.05 -11.05 -9.78
C GLU A 81 -1.67 -10.40 -9.62
N THR A 82 -1.16 -10.34 -8.38
CA THR A 82 0.17 -9.78 -8.18
C THR A 82 1.22 -10.57 -8.93
N LYS A 83 1.16 -11.90 -8.85
CA LYS A 83 2.20 -12.71 -9.48
C LYS A 83 2.12 -12.64 -11.00
N LEU A 84 0.91 -12.51 -11.54
CA LEU A 84 0.70 -12.48 -12.98
C LEU A 84 1.08 -11.13 -13.58
N PHE A 85 0.74 -10.02 -12.92
CA PHE A 85 0.96 -8.69 -13.49
C PHE A 85 2.16 -7.95 -12.93
N LYS A 86 2.72 -8.34 -11.79
CA LYS A 86 3.74 -7.52 -11.16
C LYS A 86 5.03 -8.27 -10.87
N GLY A 87 4.94 -9.40 -10.19
CA GLY A 87 6.15 -10.13 -9.85
C GLY A 87 5.94 -11.03 -8.66
N GLN A 88 7.04 -11.53 -8.15
CA GLN A 88 7.01 -12.59 -7.15
C GLN A 88 6.62 -12.04 -5.78
N VAL A 89 5.87 -12.84 -5.02
CA VAL A 89 5.43 -12.52 -3.67
C VAL A 89 5.83 -13.67 -2.76
N VAL A 90 6.44 -13.35 -1.63
CA VAL A 90 6.79 -14.39 -0.66
C VAL A 90 5.57 -14.79 0.17
N GLN A 91 4.83 -13.81 0.67
CA GLN A 91 3.79 -14.07 1.64
C GLN A 91 2.42 -14.14 0.98
N THR A 92 1.56 -14.98 1.53
CA THR A 92 0.20 -15.11 1.02
C THR A 92 -0.61 -13.86 1.34
N LEU A 93 -1.79 -13.76 0.71
CA LEU A 93 -2.73 -12.69 1.03
C LEU A 93 -3.04 -12.65 2.52
N GLU A 94 -3.34 -13.83 3.10
CA GLU A 94 -3.68 -13.88 4.52
CA GLU A 94 -3.65 -13.91 4.52
C GLU A 94 -2.52 -13.37 5.39
N GLU A 95 -1.29 -13.76 5.06
CA GLU A 95 -0.14 -13.30 5.83
C GLU A 95 0.08 -11.80 5.68
N ARG A 96 -0.02 -11.29 4.44
CA ARG A 96 0.24 -9.88 4.21
C ARG A 96 -0.83 -9.03 4.86
N THR A 97 -2.07 -9.54 4.90
CA THR A 97 -3.15 -8.81 5.53
C THR A 97 -3.03 -8.86 7.04
N GLU A 98 -2.72 -10.03 7.60
CA GLU A 98 -2.57 -10.13 9.05
C GLU A 98 -1.52 -9.18 9.56
N THR A 99 -0.42 -9.02 8.83
CA THR A 99 0.62 -8.12 9.33
C THR A 99 0.15 -6.67 9.33
N LEU A 100 -0.49 -6.24 8.24
CA LEU A 100 -1.01 -4.88 8.13
C LEU A 100 -1.97 -4.54 9.26
N LYS A 101 -2.68 -5.55 9.77
CA LYS A 101 -3.63 -5.34 10.85
C LYS A 101 -2.97 -4.71 12.07
N HIS A 102 -1.66 -4.89 12.23
CA HIS A 102 -0.98 -4.39 13.42
C HIS A 102 -0.48 -2.97 13.26
N ILE A 103 -0.73 -2.33 12.12
CA ILE A 103 -0.09 -1.06 11.84
C ILE A 103 -1.01 0.06 12.28
N ARG A 104 -0.44 1.01 13.03
CA ARG A 104 -1.20 2.07 13.69
C ARG A 104 -2.09 2.84 12.74
N TRP A 105 -1.60 3.08 11.52
CA TRP A 105 -2.24 4.03 10.62
C TRP A 105 -3.41 3.43 9.89
N VAL A 106 -3.52 2.10 9.90
CA VAL A 106 -4.48 1.39 9.07
C VAL A 106 -5.81 1.34 9.78
N ASP A 107 -6.83 1.92 9.17
CA ASP A 107 -8.15 1.94 9.80
C ASP A 107 -9.06 0.83 9.30
N GLU A 108 -8.99 0.53 8.01
CA GLU A 108 -9.76 -0.54 7.40
C GLU A 108 -8.89 -1.21 6.37
N ILE A 109 -9.16 -2.49 6.10
CA ILE A 109 -8.43 -3.23 5.07
C ILE A 109 -9.44 -3.85 4.11
N ILE A 110 -9.14 -3.78 2.81
CA ILE A 110 -9.90 -4.49 1.79
C ILE A 110 -8.99 -5.56 1.21
N SER A 111 -9.31 -6.82 1.48
CA SER A 111 -8.40 -7.92 1.22
C SER A 111 -9.19 -9.13 0.74
N PRO A 112 -9.06 -9.54 -0.54
CA PRO A 112 -8.18 -8.88 -1.53
C PRO A 112 -8.77 -7.61 -2.09
N CYS A 113 -7.95 -6.76 -2.64
CA CYS A 113 -8.52 -5.58 -3.26
C CYS A 113 -8.54 -5.77 -4.78
N PRO A 114 -9.36 -4.99 -5.49
CA PRO A 114 -9.33 -5.05 -6.95
C PRO A 114 -7.95 -4.66 -7.44
N TRP A 115 -7.46 -5.36 -8.48
CA TRP A 115 -6.18 -5.00 -9.07
C TRP A 115 -6.22 -3.61 -9.71
N VAL A 116 -7.36 -3.18 -10.24
CA VAL A 116 -7.47 -1.86 -10.86
C VAL A 116 -8.59 -1.08 -10.19
N VAL A 117 -8.26 0.14 -9.76
CA VAL A 117 -9.24 0.99 -9.10
C VAL A 117 -10.20 1.55 -10.14
N THR A 118 -11.48 1.60 -9.78
CA THR A 118 -12.52 2.08 -10.67
C THR A 118 -13.32 3.17 -9.99
N PRO A 119 -13.91 4.10 -10.77
CA PRO A 119 -14.78 5.12 -10.14
C PRO A 119 -15.89 4.51 -9.32
N GLU A 120 -16.42 3.38 -9.75
CA GLU A 120 -17.49 2.72 -9.01
C GLU A 120 -16.98 2.16 -7.68
N PHE A 121 -15.77 1.59 -7.68
CA PHE A 121 -15.12 1.18 -6.43
C PHE A 121 -15.03 2.35 -5.46
N LEU A 122 -14.62 3.53 -5.94
CA LEU A 122 -14.51 4.69 -5.07
C LEU A 122 -15.88 5.11 -4.54
N GLU A 123 -16.90 5.10 -5.41
CA GLU A 123 -18.25 5.39 -4.96
C GLU A 123 -18.71 4.34 -3.96
N LYS A 124 -18.43 3.06 -4.21
CA LYS A 124 -18.90 1.99 -3.34
C LYS A 124 -18.41 2.16 -1.91
N TYR A 125 -17.12 2.47 -1.74
CA TYR A 125 -16.55 2.63 -0.40
C TYR A 125 -16.44 4.09 0.04
N LYS A 126 -17.03 5.01 -0.72
CA LYS A 126 -17.09 6.42 -0.35
C LYS A 126 -15.70 7.01 -0.14
N ILE A 127 -14.79 6.67 -1.03
CA ILE A 127 -13.40 7.12 -0.93
C ILE A 127 -13.27 8.51 -1.51
N ASP A 128 -12.66 9.41 -0.73
CA ASP A 128 -12.41 10.77 -1.17
C ASP A 128 -11.13 10.92 -1.97
N TYR A 129 -10.05 10.23 -1.58
CA TYR A 129 -8.76 10.35 -2.26
C TYR A 129 -8.07 9.00 -2.31
N VAL A 130 -7.33 8.78 -3.39
CA VAL A 130 -6.44 7.63 -3.50
C VAL A 130 -5.02 8.15 -3.30
N ALA A 131 -4.27 7.50 -2.40
CA ALA A 131 -2.91 7.91 -2.09
C ALA A 131 -1.96 6.94 -2.79
N HIS A 132 -1.10 7.48 -3.65
CA HIS A 132 -0.25 6.67 -4.52
C HIS A 132 1.07 7.40 -4.72
N ASP A 133 2.10 6.64 -5.10
CA ASP A 133 3.43 7.26 -5.27
C ASP A 133 3.77 7.70 -6.72
N GLU A 143 -0.22 10.76 -14.29
CA GLU A 143 -0.03 9.32 -14.36
C GLU A 143 -0.93 8.79 -15.45
N ASP A 144 -0.44 7.85 -16.25
CA ASP A 144 -1.24 7.34 -17.37
C ASP A 144 -2.45 6.58 -16.86
N ILE A 145 -2.21 5.58 -15.99
CA ILE A 145 -3.30 4.79 -15.44
C ILE A 145 -4.10 5.59 -14.41
N TYR A 146 -3.43 6.50 -13.70
CA TYR A 146 -4.08 7.31 -12.68
C TYR A 146 -4.67 8.62 -13.21
N ALA A 147 -4.72 8.80 -14.53
CA ALA A 147 -5.10 10.10 -15.08
C ALA A 147 -6.51 10.51 -14.66
N TRP A 148 -7.46 9.57 -14.74
CA TRP A 148 -8.82 9.91 -14.32
C TRP A 148 -8.85 10.29 -12.85
N LEU A 149 -7.94 9.74 -12.04
CA LEU A 149 -7.91 10.09 -10.62
C LEU A 149 -7.50 11.54 -10.43
N LYS A 150 -6.44 11.97 -11.12
CA LYS A 150 -6.06 13.38 -11.00
C LYS A 150 -7.10 14.29 -11.64
N ARG A 151 -7.69 13.86 -12.78
CA ARG A 151 -8.79 14.60 -13.39
C ARG A 151 -9.90 14.85 -12.39
N ALA A 152 -10.22 13.84 -11.60
CA ALA A 152 -11.33 13.95 -10.66
C ALA A 152 -10.97 14.72 -9.40
N GLY A 153 -9.70 15.12 -9.23
CA GLY A 153 -9.25 15.71 -7.98
C GLY A 153 -9.11 14.73 -6.83
N LYS A 154 -8.93 13.44 -7.14
CA LYS A 154 -8.97 12.39 -6.15
C LYS A 154 -7.62 11.70 -5.94
N PHE A 155 -6.54 12.32 -6.41
CA PHE A 155 -5.21 11.73 -6.37
C PHE A 155 -4.35 12.50 -5.38
N LYS A 156 -3.71 11.78 -4.46
CA LYS A 156 -2.81 12.38 -3.50
C LYS A 156 -1.48 11.64 -3.55
N ALA A 157 -0.40 12.39 -3.70
CA ALA A 157 0.91 11.78 -3.85
C ALA A 157 1.45 11.37 -2.50
N THR A 158 2.12 10.23 -2.46
CA THR A 158 2.97 9.82 -1.35
C THR A 158 4.31 9.36 -1.92
N GLN A 159 5.32 9.24 -1.07
CA GLN A 159 6.65 8.85 -1.53
C GLN A 159 7.10 7.53 -0.93
N ARG A 160 8.04 6.91 -1.64
CA ARG A 160 8.71 5.69 -1.21
C ARG A 160 10.02 6.06 -0.53
N THR A 161 10.31 5.40 0.59
CA THR A 161 11.63 5.49 1.19
C THR A 161 12.49 4.38 0.60
N GLU A 162 13.70 4.73 0.18
CA GLU A 162 14.62 3.71 -0.31
C GLU A 162 15.57 3.28 0.82
N GLY A 163 16.13 2.09 0.67
CA GLY A 163 17.15 1.63 1.58
C GLY A 163 16.66 1.14 2.93
N VAL A 164 15.37 0.85 3.09
CA VAL A 164 14.85 0.42 4.38
C VAL A 164 14.07 -0.89 4.25
N SER A 165 14.21 -1.56 3.11
CA SER A 165 13.39 -2.75 2.84
C SER A 165 13.87 -3.96 3.62
N THR A 166 12.99 -4.96 3.69
CA THR A 166 13.35 -6.20 4.34
C THR A 166 14.54 -6.86 3.64
N THR A 167 14.54 -6.90 2.30
CA THR A 167 15.67 -7.51 1.60
C THR A 167 16.96 -6.70 1.79
N ASP A 168 16.85 -5.37 1.98
CA ASP A 168 18.03 -4.59 2.32
C ASP A 168 18.65 -5.05 3.62
N LEU A 169 17.83 -5.51 4.59
CA LEU A 169 18.37 -5.99 5.85
C LEU A 169 19.17 -7.29 5.67
N ILE A 170 18.70 -8.19 4.81
CA ILE A 170 19.47 -9.41 4.59
C ILE A 170 20.80 -9.11 3.92
N VAL A 171 20.81 -8.14 2.99
CA VAL A 171 22.07 -7.72 2.39
C VAL A 171 23.06 -7.27 3.46
N ARG A 172 22.58 -6.54 4.48
CA ARG A 172 23.47 -6.14 5.57
C ARG A 172 23.98 -7.33 6.36
N ILE A 173 23.12 -8.33 6.64
CA ILE A 173 23.59 -9.52 7.35
C ILE A 173 24.73 -10.17 6.57
N LEU A 174 24.54 -10.36 5.27
CA LEU A 174 25.52 -11.07 4.44
C LEU A 174 26.87 -10.36 4.40
N LYS A 175 26.90 -9.04 4.64
CA LYS A 175 28.17 -8.30 4.60
C LYS A 175 29.09 -8.63 5.77
N ASN A 176 28.62 -9.35 6.78
CA ASN A 176 29.50 -9.85 7.82
C ASN A 176 30.44 -10.94 7.32
N TYR A 177 30.23 -11.42 6.11
CA TYR A 177 31.00 -12.54 5.58
C TYR A 177 31.82 -12.03 4.41
N GLU A 178 33.12 -11.89 4.64
CA GLU A 178 34.01 -11.32 3.64
C GLU A 178 34.07 -12.23 2.42
N ASP A 179 34.17 -11.62 1.22
CA ASP A 179 34.35 -12.43 0.02
C ASP A 179 35.55 -13.36 0.16
N TYR A 180 36.61 -12.92 0.84
CA TYR A 180 37.84 -13.69 0.98
C TYR A 180 38.30 -13.71 2.43
#